data_8Z30
#
_entry.id   8Z30
#
_cell.length_a   94.039
_cell.length_b   114.758
_cell.length_c   66.186
_cell.angle_alpha   90.00
_cell.angle_beta   109.75
_cell.angle_gamma   90.00
#
_symmetry.space_group_name_H-M   'C 1 2 1'
#
loop_
_entity.id
_entity.type
_entity.pdbx_description
1 polymer 'E3 ubiquitin-protein ligase RNF31'
2 non-polymer DI(HYDROXYETHYL)ETHER
3 non-polymer '2-[(3-chloro-2-methylphenyl)amino]benzoic acid'
4 non-polymer 2-{2-[2-(2-{2-[2-(2-ETHOXY-ETHOXY)-ETHOXY]-ETHOXY}-ETHOXY)-ETHOXY]-ETHOXY}-ETHANOL
5 non-polymer 2-[2-(2-METHOXY-ETHOXY)-ETHOXY]-ETHOXYL
6 water water
#
_entity_poly.entity_id   1
_entity_poly.type   'polypeptide(L)'
_entity_poly.pdbx_seq_one_letter_code
;EEEERAFLVAREELASALRRDSGQAFSLEQLRPLLASSLPLAARYLQLDAARLVRCNAHGEPRNYLNTLSTALNILEKYG
RNLLSPQRPRYWRGVKFNNPVFRSTVDAVQGGRDVLRLYGYTEEQPDGLSFPEGQEEPDEHQVATVTLEVLLLRTELSLL
LQNTHPRQQALEQLLE
;
_entity_poly.pdbx_strand_id   A,B,C
#
# COMPACT_ATOMS: atom_id res chain seq x y z
N GLU A 1 13.91 3.64 44.48
CA GLU A 1 13.70 2.38 43.78
C GLU A 1 15.00 1.79 43.26
N GLU A 2 15.22 0.51 43.55
CA GLU A 2 16.33 -0.24 42.97
C GLU A 2 15.91 -1.08 41.77
N GLU A 3 14.61 -1.14 41.48
CA GLU A 3 14.12 -1.79 40.27
C GLU A 3 14.55 -1.05 39.01
N GLU A 4 15.18 0.12 39.15
CA GLU A 4 15.73 0.85 38.02
C GLU A 4 17.09 0.29 37.62
N ARG A 5 17.90 -0.12 38.60
CA ARG A 5 19.17 -0.76 38.31
C ARG A 5 18.96 -2.12 37.68
N ALA A 6 17.92 -2.85 38.12
CA ALA A 6 17.57 -4.10 37.45
C ALA A 6 17.13 -3.83 36.03
N PHE A 7 16.35 -2.76 35.81
CA PHE A 7 16.00 -2.36 34.45
C PHE A 7 17.26 -2.02 33.64
N LEU A 8 18.18 -1.28 34.24
CA LEU A 8 19.39 -0.87 33.53
C LEU A 8 20.27 -2.06 33.18
N VAL A 9 20.41 -3.02 34.09
CA VAL A 9 21.23 -4.19 33.82
C VAL A 9 20.65 -4.99 32.65
N ALA A 10 19.33 -5.20 32.68
CA ALA A 10 18.68 -5.88 31.55
C ALA A 10 18.73 -5.02 30.29
N ARG A 11 18.49 -3.71 30.43
CA ARG A 11 18.56 -2.82 29.28
C ARG A 11 19.92 -2.87 28.62
N GLU A 12 20.99 -2.74 29.41
CA GLU A 12 22.34 -2.77 28.84
C GLU A 12 22.68 -4.15 28.29
N GLU A 13 22.13 -5.22 28.88
CA GLU A 13 22.35 -6.55 28.35
C GLU A 13 21.72 -6.69 26.96
N LEU A 14 20.45 -6.33 26.83
CA LEU A 14 19.80 -6.43 25.53
C LEU A 14 20.34 -5.41 24.55
N ALA A 15 20.76 -4.24 25.03
CA ALA A 15 21.33 -3.23 24.14
C ALA A 15 22.68 -3.70 23.57
N SER A 16 23.57 -4.17 24.45
CA SER A 16 24.82 -4.73 23.97
C SER A 16 24.57 -5.97 23.10
N ALA A 17 23.52 -6.72 23.40
CA ALA A 17 23.19 -7.88 22.56
C ALA A 17 22.76 -7.45 21.17
N LEU A 18 22.18 -6.26 21.04
CA LEU A 18 21.74 -5.79 19.72
C LEU A 18 22.92 -5.44 18.83
N ARG A 19 23.98 -4.87 19.41
CA ARG A 19 25.15 -4.50 18.62
C ARG A 19 26.00 -5.72 18.27
N ARG A 20 26.02 -6.74 19.13
CA ARG A 20 26.79 -7.94 18.82
C ARG A 20 26.17 -8.71 17.66
N ASP A 21 24.84 -8.78 17.62
CA ASP A 21 24.13 -9.44 16.52
C ASP A 21 22.76 -8.79 16.41
N SER A 22 22.61 -7.91 15.42
CA SER A 22 21.38 -7.14 15.22
C SER A 22 20.25 -7.96 14.62
N GLY A 23 20.50 -9.22 14.25
CA GLY A 23 19.46 -10.03 13.64
C GLY A 23 18.80 -10.99 14.59
N GLN A 24 19.40 -11.19 15.76
CA GLN A 24 18.87 -12.16 16.72
C GLN A 24 17.64 -11.59 17.41
N ALA A 25 16.58 -12.39 17.48
CA ALA A 25 15.35 -11.98 18.15
C ALA A 25 15.47 -12.24 19.65
N PHE A 26 14.51 -11.68 20.40
CA PHE A 26 14.46 -11.81 21.85
C PHE A 26 13.18 -12.53 22.23
N SER A 27 13.31 -13.59 23.04
CA SER A 27 12.15 -14.32 23.49
C SER A 27 11.37 -13.51 24.52
N LEU A 28 10.12 -13.93 24.76
CA LEU A 28 9.28 -13.26 25.75
C LEU A 28 9.90 -13.34 27.14
N GLU A 29 10.60 -14.43 27.44
CA GLU A 29 11.21 -14.57 28.76
C GLU A 29 12.41 -13.63 28.91
N GLN A 30 13.14 -13.36 27.83
CA GLN A 30 14.27 -12.44 27.92
C GLN A 30 13.82 -11.02 28.19
N LEU A 31 12.66 -10.61 27.67
CA LEU A 31 12.16 -9.26 27.84
C LEU A 31 11.29 -9.10 29.08
N ARG A 32 10.90 -10.20 29.72
CA ARG A 32 10.00 -10.14 30.87
C ARG A 32 10.48 -9.21 31.99
N PRO A 33 11.78 -9.12 32.31
CA PRO A 33 12.21 -8.11 33.30
C PRO A 33 11.72 -6.70 32.99
N LEU A 34 11.68 -6.30 31.72
CA LEU A 34 11.24 -4.96 31.37
C LEU A 34 9.73 -4.88 31.19
N LEU A 35 9.10 -5.95 30.69
CA LEU A 35 7.66 -5.92 30.43
C LEU A 35 6.87 -5.81 31.73
N ALA A 36 7.26 -6.55 32.77
CA ALA A 36 6.52 -6.57 34.02
C ALA A 36 7.00 -5.52 35.02
N SER A 37 7.94 -4.66 34.63
CA SER A 37 8.44 -3.64 35.54
C SER A 37 7.36 -2.64 35.91
N SER A 38 7.28 -2.29 37.19
CA SER A 38 6.32 -1.31 37.68
C SER A 38 6.83 0.12 37.58
N LEU A 39 8.01 0.32 36.97
CA LEU A 39 8.55 1.66 36.84
C LEU A 39 7.64 2.52 35.96
N PRO A 40 7.62 3.83 36.19
CA PRO A 40 6.79 4.70 35.35
C PRO A 40 7.32 4.76 33.92
N LEU A 41 6.44 5.22 33.02
CA LEU A 41 6.79 5.27 31.60
C LEU A 41 8.02 6.15 31.35
N ALA A 42 8.10 7.30 32.03
CA ALA A 42 9.21 8.21 31.82
C ALA A 42 10.54 7.61 32.25
N ALA A 43 10.53 6.58 33.10
CA ALA A 43 11.76 5.93 33.52
C ALA A 43 12.15 4.76 32.61
N ARG A 44 11.18 4.10 32.00
CA ARG A 44 11.48 2.96 31.14
C ARG A 44 11.93 3.40 29.75
N TYR A 45 11.36 4.48 29.24
CA TYR A 45 11.68 5.01 27.92
C TYR A 45 12.38 6.36 28.08
N LEU A 46 13.68 6.39 27.79
CA LEU A 46 14.50 7.58 27.99
C LEU A 46 14.64 8.42 26.73
N GLN A 47 14.52 7.82 25.55
CA GLN A 47 14.64 8.55 24.30
C GLN A 47 13.36 8.48 23.47
N LEU A 48 12.78 7.30 23.31
CA LEU A 48 11.56 7.13 22.53
C LEU A 48 10.40 7.82 23.23
N ASP A 49 9.75 8.75 22.52
CA ASP A 49 8.60 9.48 23.08
C ASP A 49 7.38 8.56 23.07
N ALA A 50 7.40 7.59 23.97
CA ALA A 50 6.33 6.61 24.04
C ALA A 50 5.00 7.26 24.40
N ALA A 51 5.04 8.29 25.26
CA ALA A 51 3.80 8.95 25.67
C ALA A 51 3.09 9.61 24.49
N ARG A 52 3.85 10.31 23.65
CA ARG A 52 3.23 10.95 22.49
C ARG A 52 2.86 9.93 21.42
N LEU A 53 3.68 8.89 21.24
CA LEU A 53 3.39 7.91 20.20
C LEU A 53 2.05 7.24 20.43
N VAL A 54 1.68 7.00 21.69
CA VAL A 54 0.39 6.42 21.99
C VAL A 54 -0.71 7.50 22.00
N ARG A 55 -0.48 8.56 22.78
CA ARG A 55 -1.53 9.56 22.99
C ARG A 55 -1.95 10.22 21.68
N CYS A 56 -0.98 10.67 20.88
CA CYS A 56 -1.28 11.39 19.66
C CYS A 56 -1.88 10.51 18.57
N ASN A 57 -1.94 9.19 18.78
CA ASN A 57 -2.46 8.28 17.78
C ASN A 57 -3.61 7.41 18.31
N ALA A 58 -4.11 7.71 19.50
CA ALA A 58 -5.16 6.91 20.12
C ALA A 58 -6.55 7.37 19.67
N HIS A 59 -6.79 7.24 18.36
CA HIS A 59 -8.07 7.59 17.76
C HIS A 59 -8.78 6.32 17.32
N GLY A 60 -10.09 6.24 17.61
CA GLY A 60 -10.85 5.06 17.29
C GLY A 60 -10.69 3.98 18.33
N GLU A 61 -10.96 2.74 17.90
CA GLU A 61 -10.89 1.60 18.81
C GLU A 61 -9.43 1.23 19.08
N PRO A 62 -9.10 0.88 20.33
CA PRO A 62 -7.72 0.45 20.62
C PRO A 62 -7.27 -0.73 19.77
N ARG A 63 -8.16 -1.68 19.49
CA ARG A 63 -7.79 -2.83 18.67
C ARG A 63 -7.22 -2.41 17.32
N ASN A 64 -7.64 -1.25 16.82
CA ASN A 64 -7.13 -0.75 15.54
C ASN A 64 -5.86 0.07 15.71
N TYR A 65 -5.90 1.12 16.53
CA TYR A 65 -4.76 2.04 16.57
C TYR A 65 -3.55 1.42 17.27
N LEU A 66 -3.77 0.46 18.17
CA LEU A 66 -2.63 -0.28 18.70
C LEU A 66 -1.97 -1.13 17.62
N ASN A 67 -2.74 -1.65 16.67
CA ASN A 67 -2.18 -2.39 15.56
C ASN A 67 -1.41 -1.46 14.62
N THR A 68 -1.96 -0.28 14.34
CA THR A 68 -1.27 0.69 13.50
C THR A 68 0.06 1.10 14.12
N LEU A 69 0.07 1.37 15.42
CA LEU A 69 1.31 1.77 16.09
C LEU A 69 2.31 0.61 16.12
N SER A 70 1.83 -0.60 16.42
CA SER A 70 2.73 -1.75 16.52
C SER A 70 3.41 -2.03 15.19
N THR A 71 2.68 -1.92 14.08
CA THR A 71 3.29 -2.16 12.77
C THR A 71 4.32 -1.09 12.44
N ALA A 72 4.02 0.17 12.76
CA ALA A 72 4.97 1.24 12.51
C ALA A 72 6.26 1.02 13.32
N LEU A 73 6.11 0.54 14.56
CA LEU A 73 7.29 0.26 15.38
C LEU A 73 8.06 -0.95 14.84
N ASN A 74 7.35 -1.93 14.27
CA ASN A 74 8.04 -3.04 13.64
C ASN A 74 8.94 -2.56 12.51
N ILE A 75 8.45 -1.63 11.69
CA ILE A 75 9.27 -1.07 10.62
C ILE A 75 10.40 -0.23 11.20
N LEU A 76 10.10 0.57 12.23
CA LEU A 76 11.15 1.39 12.84
C LEU A 76 12.20 0.54 13.52
N GLU A 77 11.79 -0.60 14.10
CA GLU A 77 12.76 -1.50 14.71
C GLU A 77 13.70 -2.08 13.66
N LYS A 78 13.18 -2.37 12.46
CA LYS A 78 14.03 -2.90 11.39
C LYS A 78 15.04 -1.86 10.95
N TYR A 79 14.65 -0.58 10.91
CA TYR A 79 15.60 0.46 10.54
C TYR A 79 16.76 0.52 11.52
N GLY A 80 16.48 0.37 12.81
CA GLY A 80 17.55 0.39 13.81
C GLY A 80 18.47 -0.81 13.69
N ARG A 81 17.90 -2.00 13.46
CA ARG A 81 18.72 -3.20 13.35
C ARG A 81 19.62 -3.14 12.12
N ASN A 82 19.11 -2.58 11.02
CA ASN A 82 19.92 -2.46 9.81
C ASN A 82 21.12 -1.54 10.02
N LEU A 83 20.96 -0.50 10.84
CA LEU A 83 22.06 0.43 11.09
C LEU A 83 23.17 -0.19 11.94
N LEU A 84 22.85 -1.20 12.74
CA LEU A 84 23.84 -1.91 13.55
C LEU A 84 24.38 -3.16 12.88
N SER A 85 23.88 -3.50 11.69
CA SER A 85 24.30 -4.74 11.05
C SER A 85 25.72 -4.60 10.50
N PRO A 86 26.53 -5.66 10.56
CA PRO A 86 27.86 -5.61 9.91
C PRO A 86 27.77 -5.34 8.42
N GLN A 87 26.83 -6.00 7.74
CA GLN A 87 26.58 -5.74 6.32
C GLN A 87 25.43 -4.74 6.23
N ARG A 88 25.77 -3.47 6.38
CA ARG A 88 24.78 -2.41 6.36
C ARG A 88 24.16 -2.26 4.97
N PRO A 89 22.87 -1.96 4.89
CA PRO A 89 22.27 -1.68 3.58
C PRO A 89 22.96 -0.50 2.91
N ARG A 90 23.07 -0.56 1.59
CA ARG A 90 23.81 0.45 0.84
C ARG A 90 23.17 1.83 0.94
N TYR A 91 21.88 1.92 1.24
CA TYR A 91 21.19 3.19 1.35
C TYR A 91 20.81 3.52 2.81
N TRP A 92 21.67 3.11 3.75
CA TRP A 92 21.40 3.37 5.16
C TRP A 92 21.42 4.85 5.51
N ARG A 93 22.03 5.68 4.66
CA ARG A 93 22.24 7.08 5.01
C ARG A 93 20.94 7.89 5.00
N GLY A 94 19.89 7.41 4.32
CA GLY A 94 18.67 8.18 4.21
C GLY A 94 17.45 7.30 4.06
N VAL A 95 16.29 7.90 4.36
CA VAL A 95 14.99 7.26 4.21
C VAL A 95 14.12 8.16 3.36
N LYS A 96 13.42 7.58 2.39
CA LYS A 96 12.56 8.33 1.49
C LYS A 96 11.11 8.22 1.96
N PHE A 97 10.42 9.36 2.02
CA PHE A 97 9.03 9.37 2.44
C PHE A 97 8.14 8.58 1.48
N ASN A 98 8.51 8.53 0.20
CA ASN A 98 7.70 7.87 -0.82
C ASN A 98 7.90 6.36 -0.84
N ASN A 99 8.79 5.81 -0.02
CA ASN A 99 8.94 4.37 0.07
C ASN A 99 7.60 3.75 0.44
N PRO A 100 7.14 2.72 -0.28
CA PRO A 100 5.78 2.20 -0.04
C PRO A 100 5.60 1.63 1.36
N VAL A 101 6.61 0.94 1.90
CA VAL A 101 6.50 0.44 3.27
C VAL A 101 6.43 1.59 4.26
N PHE A 102 7.35 2.56 4.11
CA PHE A 102 7.40 3.68 5.04
C PHE A 102 6.11 4.49 5.01
N ARG A 103 5.55 4.72 3.81
CA ARG A 103 4.38 5.57 3.68
C ARG A 103 3.16 4.96 4.38
N SER A 104 3.03 3.64 4.32
CA SER A 104 1.85 2.96 4.84
C SER A 104 1.98 2.57 6.31
N THR A 105 3.17 2.67 6.91
CA THR A 105 3.39 2.25 8.28
C THR A 105 3.88 3.42 9.14
N VAL A 106 5.11 3.89 8.94
CA VAL A 106 5.66 4.94 9.79
C VAL A 106 4.90 6.24 9.60
N ASP A 107 4.63 6.61 8.35
CA ASP A 107 3.96 7.88 8.07
C ASP A 107 2.45 7.81 8.28
N ALA A 108 1.92 6.70 8.75
CA ALA A 108 0.54 6.62 9.21
C ALA A 108 0.40 7.00 10.67
N VAL A 109 1.51 7.27 11.36
CA VAL A 109 1.53 7.53 12.79
C VAL A 109 2.23 8.86 13.03
N GLN A 110 1.59 9.75 13.78
CA GLN A 110 2.23 11.00 14.15
C GLN A 110 3.36 10.73 15.15
N GLY A 111 4.54 11.25 14.85
CA GLY A 111 5.72 10.97 15.63
C GLY A 111 6.63 9.91 15.04
N GLY A 112 6.19 9.23 13.98
CA GLY A 112 7.01 8.19 13.38
C GLY A 112 8.30 8.73 12.81
N ARG A 113 8.24 9.88 12.12
CA ARG A 113 9.45 10.49 11.57
C ARG A 113 10.42 10.88 12.68
N ASP A 114 9.90 11.28 13.84
CA ASP A 114 10.78 11.68 14.94
C ASP A 114 11.64 10.53 15.42
N VAL A 115 11.13 9.30 15.35
CA VAL A 115 11.93 8.14 15.76
C VAL A 115 13.14 7.97 14.86
N LEU A 116 12.97 8.23 13.55
CA LEU A 116 14.11 8.19 12.65
C LEU A 116 15.15 9.24 13.03
N ARG A 117 14.71 10.40 13.52
CA ARG A 117 15.65 11.43 13.94
C ARG A 117 16.49 10.95 15.12
N LEU A 118 15.89 10.20 16.04
CA LEU A 118 16.65 9.64 17.16
C LEU A 118 17.74 8.68 16.67
N TYR A 119 17.48 7.97 15.57
CA TYR A 119 18.50 7.09 15.00
C TYR A 119 19.67 7.89 14.44
N GLY A 120 19.41 9.07 13.88
CA GLY A 120 20.45 9.87 13.27
C GLY A 120 20.04 10.52 11.97
N TYR A 121 18.79 10.30 11.55
CA TYR A 121 18.25 10.94 10.34
C TYR A 121 17.72 12.32 10.70
N THR A 122 18.66 13.24 10.93
CA THR A 122 18.31 14.57 11.41
C THR A 122 18.16 15.60 10.29
N GLU A 123 18.85 15.40 9.15
CA GLU A 123 18.79 16.35 8.05
C GLU A 123 17.52 16.11 7.24
N GLU A 124 16.70 17.15 7.11
CA GLU A 124 15.39 17.04 6.46
C GLU A 124 15.46 17.58 5.04
N GLN A 125 14.92 16.83 4.11
CA GLN A 125 14.77 17.22 2.71
C GLN A 125 13.33 17.00 2.30
N PRO A 126 12.88 17.64 1.22
CA PRO A 126 11.50 17.40 0.75
C PRO A 126 11.22 15.94 0.41
N ASP A 127 12.25 15.16 0.07
CA ASP A 127 12.05 13.76 -0.31
C ASP A 127 12.16 12.81 0.87
N GLY A 128 12.79 13.21 1.97
CA GLY A 128 12.90 12.33 3.12
C GLY A 128 13.87 12.88 4.15
N LEU A 129 14.37 11.97 4.97
CA LEU A 129 15.35 12.29 6.00
C LEU A 129 16.65 11.54 5.72
N SER A 130 17.77 12.17 6.07
CA SER A 130 19.07 11.57 5.81
C SER A 130 20.03 11.92 6.93
N PHE A 131 21.07 11.11 7.06
CA PHE A 131 22.15 11.40 7.99
C PHE A 131 22.93 12.63 7.51
N PRO A 132 23.56 13.36 8.43
CA PRO A 132 24.48 14.42 8.01
C PRO A 132 25.64 13.84 7.20
N GLU A 133 26.06 14.58 6.17
CA GLU A 133 27.06 14.06 5.24
C GLU A 133 28.40 13.82 5.94
N GLY A 134 28.68 14.56 7.01
CA GLY A 134 29.94 14.38 7.71
C GLY A 134 30.02 13.07 8.48
N GLN A 135 28.89 12.57 8.97
CA GLN A 135 28.87 11.36 9.79
C GLN A 135 29.28 10.16 8.96
N GLU A 136 30.46 9.61 9.23
CA GLU A 136 30.91 8.42 8.52
C GLU A 136 30.14 7.19 8.96
N GLU A 137 29.89 7.06 10.26
CA GLU A 137 29.22 5.90 10.82
C GLU A 137 28.16 6.35 11.82
N PRO A 138 27.09 5.57 11.97
CA PRO A 138 26.05 5.94 12.93
C PRO A 138 26.49 5.72 14.37
N ASP A 139 25.80 6.38 15.28
CA ASP A 139 26.05 6.24 16.72
C ASP A 139 25.55 4.89 17.18
N GLU A 140 26.46 3.91 17.25
CA GLU A 140 26.06 2.54 17.57
C GLU A 140 25.44 2.44 18.96
N HIS A 141 25.90 3.25 19.92
CA HIS A 141 25.34 3.21 21.25
C HIS A 141 23.99 3.91 21.31
N GLN A 142 23.81 4.99 20.55
CA GLN A 142 22.53 5.69 20.53
C GLN A 142 21.48 4.88 19.77
N VAL A 143 21.87 4.27 18.64
CA VAL A 143 20.92 3.50 17.85
C VAL A 143 20.45 2.28 18.62
N ALA A 144 21.36 1.59 19.30
CA ALA A 144 20.99 0.39 20.05
C ALA A 144 20.00 0.72 21.16
N THR A 145 20.20 1.85 21.84
CA THR A 145 19.27 2.27 22.88
C THR A 145 17.88 2.53 22.30
N VAL A 146 17.82 3.30 21.22
CA VAL A 146 16.54 3.61 20.59
C VAL A 146 15.90 2.33 20.04
N THR A 147 16.71 1.48 19.40
CA THR A 147 16.17 0.24 18.82
C THR A 147 15.57 -0.65 19.90
N LEU A 148 16.24 -0.77 21.05
CA LEU A 148 15.70 -1.58 22.13
C LEU A 148 14.39 -0.99 22.66
N GLU A 149 14.32 0.33 22.77
CA GLU A 149 13.09 0.96 23.24
C GLU A 149 11.96 0.78 22.24
N VAL A 150 12.25 0.89 20.94
CA VAL A 150 11.25 0.61 19.91
C VAL A 150 10.78 -0.83 20.02
N LEU A 151 11.72 -1.76 20.15
CA LEU A 151 11.36 -3.16 20.32
C LEU A 151 10.52 -3.37 21.57
N LEU A 152 10.86 -2.67 22.66
CA LEU A 152 10.12 -2.83 23.91
C LEU A 152 8.68 -2.35 23.77
N LEU A 153 8.49 -1.16 23.19
CA LEU A 153 7.14 -0.62 23.02
C LEU A 153 6.30 -1.51 22.11
N ARG A 154 6.87 -1.95 20.99
CA ARG A 154 6.15 -2.83 20.08
C ARG A 154 5.69 -4.10 20.79
N THR A 155 6.60 -4.71 21.57
CA THR A 155 6.25 -5.90 22.33
C THR A 155 5.14 -5.62 23.32
N GLU A 156 5.19 -4.46 23.99
CA GLU A 156 4.14 -4.09 24.93
C GLU A 156 2.79 -3.99 24.23
N LEU A 157 2.75 -3.30 23.08
CA LEU A 157 1.50 -3.17 22.34
C LEU A 157 1.02 -4.52 21.83
N SER A 158 1.94 -5.33 21.29
CA SER A 158 1.54 -6.61 20.72
C SER A 158 1.03 -7.56 21.79
N LEU A 159 1.64 -7.53 22.98
CA LEU A 159 1.15 -8.36 24.08
C LEU A 159 -0.23 -7.89 24.55
N LEU A 160 -0.44 -6.57 24.55
CA LEU A 160 -1.75 -6.04 24.93
C LEU A 160 -2.83 -6.49 23.97
N LEU A 161 -2.52 -6.51 22.67
CA LEU A 161 -3.48 -7.01 21.69
C LEU A 161 -3.72 -8.50 21.81
N GLN A 162 -2.77 -9.25 22.37
CA GLN A 162 -2.91 -10.67 22.59
C GLN A 162 -3.51 -11.01 23.95
N ASN A 163 -3.83 -10.00 24.76
CA ASN A 163 -4.34 -10.21 26.11
C ASN A 163 -3.36 -11.00 26.98
N THR A 164 -2.06 -10.79 26.77
CA THR A 164 -1.03 -11.50 27.51
C THR A 164 -0.02 -10.57 28.18
N HIS A 165 -0.29 -9.27 28.23
CA HIS A 165 0.64 -8.34 28.86
C HIS A 165 0.69 -8.61 30.36
N PRO A 166 1.87 -8.57 30.98
CA PRO A 166 1.95 -8.77 32.43
C PRO A 166 1.13 -7.79 33.23
N ARG A 167 1.00 -6.55 32.75
CA ARG A 167 0.16 -5.53 33.39
C ARG A 167 -1.01 -5.17 32.49
N GLN A 168 -1.66 -6.20 31.93
CA GLN A 168 -2.72 -5.97 30.94
C GLN A 168 -3.86 -5.12 31.52
N GLN A 169 -4.39 -5.52 32.68
CA GLN A 169 -5.53 -4.82 33.25
C GLN A 169 -5.17 -3.38 33.62
N ALA A 170 -3.98 -3.18 34.18
CA ALA A 170 -3.56 -1.83 34.55
C ALA A 170 -3.44 -0.92 33.33
N LEU A 171 -2.91 -1.46 32.22
CA LEU A 171 -2.75 -0.65 31.02
C LEU A 171 -4.10 -0.44 30.33
N GLU A 172 -4.98 -1.44 30.37
CA GLU A 172 -6.29 -1.30 29.74
C GLU A 172 -7.12 -0.22 30.40
N GLN A 173 -6.90 0.03 31.69
CA GLN A 173 -7.58 1.10 32.39
C GLN A 173 -7.05 2.48 32.05
N LEU A 174 -6.03 2.56 31.19
CA LEU A 174 -5.58 3.83 30.63
C LEU A 174 -6.19 4.13 29.27
N LEU A 175 -6.90 3.18 28.68
CA LEU A 175 -7.47 3.35 27.36
C LEU A 175 -9.01 3.34 27.35
N GLU A 176 -9.64 3.12 28.50
CA GLU A 176 -11.09 3.08 28.57
C GLU A 176 -11.60 3.55 29.93
N GLU B 1 -21.88 -23.98 -10.97
CA GLU B 1 -21.67 -25.36 -10.57
C GLU B 1 -22.31 -25.65 -9.22
N GLU B 2 -21.95 -26.78 -8.62
CA GLU B 2 -22.51 -27.14 -7.32
C GLU B 2 -22.00 -26.22 -6.22
N GLU B 3 -20.69 -26.00 -6.18
CA GLU B 3 -20.13 -25.10 -5.17
C GLU B 3 -20.52 -23.65 -5.42
N GLU B 4 -20.81 -23.30 -6.67
CA GLU B 4 -21.25 -21.93 -6.97
C GLU B 4 -22.63 -21.66 -6.38
N ARG B 5 -23.54 -22.64 -6.45
CA ARG B 5 -24.86 -22.47 -5.87
C ARG B 5 -24.79 -22.43 -4.35
N ALA B 6 -23.89 -23.22 -3.75
CA ALA B 6 -23.76 -23.21 -2.30
C ALA B 6 -23.16 -21.91 -1.79
N PHE B 7 -22.30 -21.28 -2.58
CA PHE B 7 -21.70 -20.02 -2.17
C PHE B 7 -22.70 -18.87 -2.23
N LEU B 8 -23.62 -18.91 -3.19
CA LEU B 8 -24.60 -17.83 -3.33
C LEU B 8 -25.61 -17.85 -2.21
N VAL B 9 -26.13 -19.03 -1.86
CA VAL B 9 -27.12 -19.11 -0.79
C VAL B 9 -26.50 -18.73 0.55
N ALA B 10 -25.23 -19.07 0.76
CA ALA B 10 -24.55 -18.65 1.98
C ALA B 10 -24.32 -17.14 1.98
N ARG B 11 -23.89 -16.59 0.84
CA ARG B 11 -23.64 -15.15 0.76
C ARG B 11 -24.90 -14.34 0.96
N GLU B 12 -26.03 -14.83 0.45
CA GLU B 12 -27.29 -14.11 0.61
C GLU B 12 -27.82 -14.23 2.03
N GLU B 13 -27.46 -15.31 2.72
CA GLU B 13 -27.94 -15.50 4.09
C GLU B 13 -27.21 -14.58 5.05
N LEU B 14 -25.88 -14.51 4.96
CA LEU B 14 -25.13 -13.63 5.84
C LEU B 14 -25.38 -12.16 5.50
N ALA B 15 -25.63 -11.85 4.24
CA ALA B 15 -26.04 -10.49 3.88
C ALA B 15 -27.37 -10.14 4.52
N SER B 16 -28.32 -11.08 4.50
CA SER B 16 -29.60 -10.85 5.17
C SER B 16 -29.42 -10.71 6.67
N ALA B 17 -28.50 -11.48 7.26
CA ALA B 17 -28.21 -11.32 8.68
C ALA B 17 -27.59 -9.95 8.95
N LEU B 18 -26.76 -9.46 8.04
CA LEU B 18 -26.19 -8.13 8.20
C LEU B 18 -27.27 -7.06 8.17
N ARG B 19 -28.22 -7.17 7.24
CA ARG B 19 -29.33 -6.22 7.21
C ARG B 19 -30.24 -6.40 8.41
N ARG B 20 -30.41 -7.63 8.90
CA ARG B 20 -31.22 -7.87 10.08
C ARG B 20 -30.61 -7.26 11.32
N ASP B 21 -29.29 -7.43 11.50
CA ASP B 21 -28.59 -6.87 12.65
C ASP B 21 -27.16 -6.55 12.20
N SER B 22 -26.91 -5.28 11.90
CA SER B 22 -25.61 -4.85 11.38
C SER B 22 -24.53 -4.83 12.45
N GLY B 23 -24.88 -4.99 13.72
CA GLY B 23 -23.91 -4.99 14.79
C GLY B 23 -23.51 -6.37 15.29
N GLN B 24 -24.10 -7.42 14.76
CA GLN B 24 -23.82 -8.77 15.24
C GLN B 24 -22.48 -9.27 14.74
N ALA B 25 -21.86 -10.15 15.51
CA ALA B 25 -20.57 -10.73 15.18
C ALA B 25 -20.76 -12.11 14.55
N PHE B 26 -19.92 -12.42 13.58
CA PHE B 26 -19.97 -13.70 12.86
C PHE B 26 -18.75 -14.52 13.24
N SER B 27 -18.99 -15.70 13.80
CA SER B 27 -17.90 -16.59 14.15
C SER B 27 -17.33 -17.25 12.89
N LEU B 28 -16.19 -17.93 13.06
CA LEU B 28 -15.61 -18.67 11.95
C LEU B 28 -16.52 -19.80 11.50
N GLU B 29 -17.36 -20.31 12.40
CA GLU B 29 -18.34 -21.33 12.04
C GLU B 29 -19.35 -20.78 11.04
N GLN B 30 -19.93 -19.62 11.33
CA GLN B 30 -20.89 -19.00 10.43
C GLN B 30 -20.26 -18.60 9.10
N LEU B 31 -18.94 -18.45 9.04
CA LEU B 31 -18.24 -18.03 7.84
C LEU B 31 -17.51 -19.16 7.13
N ARG B 32 -17.59 -20.38 7.66
CA ARG B 32 -16.88 -21.49 7.01
C ARG B 32 -17.37 -21.80 5.60
N PRO B 33 -18.68 -21.79 5.29
CA PRO B 33 -19.10 -22.02 3.89
C PRO B 33 -18.47 -21.05 2.90
N LEU B 34 -18.00 -19.88 3.34
CA LEU B 34 -17.32 -18.94 2.47
C LEU B 34 -15.81 -18.97 2.62
N LEU B 35 -15.30 -19.35 3.80
CA LEU B 35 -13.86 -19.41 3.99
C LEU B 35 -13.26 -20.67 3.39
N ALA B 36 -13.84 -21.84 3.70
CA ALA B 36 -13.39 -23.14 3.18
C ALA B 36 -13.74 -23.35 1.71
N SER B 37 -14.24 -22.28 1.10
CA SER B 37 -14.58 -22.27 -0.31
C SER B 37 -13.37 -22.58 -1.17
N SER B 38 -13.63 -23.20 -2.32
CA SER B 38 -12.60 -23.52 -3.29
C SER B 38 -12.74 -22.76 -4.61
N LEU B 39 -13.81 -21.99 -4.80
CA LEU B 39 -13.96 -21.23 -6.03
C LEU B 39 -12.85 -20.18 -6.16
N PRO B 40 -12.51 -19.78 -7.39
CA PRO B 40 -11.47 -18.78 -7.59
C PRO B 40 -11.83 -17.45 -6.93
N LEU B 41 -10.82 -16.60 -6.77
CA LEU B 41 -11.01 -15.31 -6.11
C LEU B 41 -12.03 -14.45 -6.85
N ALA B 42 -12.07 -14.54 -8.19
CA ALA B 42 -13.01 -13.74 -8.95
C ALA B 42 -14.45 -14.17 -8.73
N ALA B 43 -14.68 -15.38 -8.25
CA ALA B 43 -16.04 -15.84 -7.97
C ALA B 43 -16.48 -15.56 -6.54
N ARG B 44 -15.55 -15.38 -5.62
CA ARG B 44 -15.90 -15.10 -4.22
C ARG B 44 -16.15 -13.62 -3.98
N TYR B 45 -15.37 -12.75 -4.62
CA TYR B 45 -15.47 -11.30 -4.45
C TYR B 45 -15.97 -10.70 -5.75
N LEU B 46 -17.27 -10.42 -5.82
CA LEU B 46 -17.87 -9.94 -7.06
C LEU B 46 -17.73 -8.43 -7.22
N GLN B 47 -17.58 -7.69 -6.13
CA GLN B 47 -17.49 -6.23 -6.17
C GLN B 47 -16.23 -5.69 -5.52
N LEU B 48 -15.85 -6.23 -4.37
CA LEU B 48 -14.61 -5.80 -3.72
C LEU B 48 -13.42 -6.21 -4.56
N ASP B 49 -12.62 -5.23 -4.98
CA ASP B 49 -11.43 -5.51 -5.77
C ASP B 49 -10.35 -6.13 -4.89
N ALA B 50 -10.57 -7.39 -4.48
CA ALA B 50 -9.61 -8.06 -3.60
C ALA B 50 -8.25 -8.24 -4.27
N ALA B 51 -8.25 -8.46 -5.59
CA ALA B 51 -6.99 -8.68 -6.31
C ALA B 51 -6.09 -7.46 -6.21
N ARG B 52 -6.62 -6.28 -6.51
CA ARG B 52 -5.81 -5.07 -6.44
C ARG B 52 -5.47 -4.69 -5.00
N LEU B 53 -6.41 -4.89 -4.08
CA LEU B 53 -6.17 -4.50 -2.69
C LEU B 53 -4.97 -5.24 -2.11
N VAL B 54 -4.77 -6.50 -2.51
CA VAL B 54 -3.63 -7.25 -2.02
C VAL B 54 -2.39 -6.95 -2.86
N ARG B 55 -2.49 -7.07 -4.18
CA ARG B 55 -1.32 -6.95 -5.04
C ARG B 55 -0.70 -5.56 -4.96
N CYS B 56 -1.53 -4.52 -4.98
CA CYS B 56 -1.01 -3.15 -4.97
C CYS B 56 -0.53 -2.70 -3.60
N ASN B 57 -0.69 -3.52 -2.56
CA ASN B 57 -0.23 -3.18 -1.23
C ASN B 57 0.66 -4.26 -0.62
N ALA B 58 1.16 -5.19 -1.44
CA ALA B 58 1.99 -6.29 -0.95
C ALA B 58 3.48 -5.92 -1.01
N HIS B 59 3.83 -4.83 -0.32
CA HIS B 59 5.20 -4.36 -0.24
CA HIS B 59 5.19 -4.37 -0.24
C HIS B 59 5.76 -4.66 1.15
N GLY B 60 7.00 -5.13 1.19
CA GLY B 60 7.64 -5.47 2.45
C GLY B 60 7.32 -6.86 2.92
N GLU B 61 7.18 -7.04 4.23
CA GLU B 61 6.96 -8.35 4.83
C GLU B 61 5.46 -8.63 4.95
N PRO B 62 5.04 -9.86 4.58
CA PRO B 62 3.63 -10.23 4.75
C PRO B 62 3.09 -9.97 6.15
N ARG B 63 3.88 -10.24 7.19
CA ARG B 63 3.43 -9.97 8.55
C ARG B 63 3.00 -8.52 8.73
N ASN B 64 3.65 -7.60 8.02
CA ASN B 64 3.34 -6.18 8.15
C ASN B 64 2.18 -5.76 7.25
N TYR B 65 2.30 -6.01 5.93
CA TYR B 65 1.30 -5.45 5.02
C TYR B 65 -0.05 -6.17 5.13
N LEU B 66 -0.05 -7.43 5.54
CA LEU B 66 -1.32 -8.08 5.84
C LEU B 66 -1.99 -7.44 7.05
N ASN B 67 -1.21 -6.92 7.98
CA ASN B 67 -1.78 -6.21 9.13
C ASN B 67 -2.31 -4.84 8.72
N THR B 68 -1.59 -4.14 7.84
CA THR B 68 -2.09 -2.87 7.32
C THR B 68 -3.39 -3.05 6.56
N LEU B 69 -3.48 -4.12 5.76
CA LEU B 69 -4.69 -4.37 4.99
C LEU B 69 -5.85 -4.77 5.89
N SER B 70 -5.58 -5.59 6.92
CA SER B 70 -6.64 -6.05 7.81
C SER B 70 -7.26 -4.88 8.56
N THR B 71 -6.43 -3.99 9.09
CA THR B 71 -6.94 -2.85 9.86
C THR B 71 -7.73 -1.90 8.97
N ALA B 72 -7.25 -1.64 7.76
CA ALA B 72 -8.01 -0.83 6.82
C ALA B 72 -9.36 -1.47 6.51
N LEU B 73 -9.38 -2.79 6.33
CA LEU B 73 -10.64 -3.48 6.07
C LEU B 73 -11.55 -3.47 7.30
N ASN B 74 -10.96 -3.51 8.50
CA ASN B 74 -11.77 -3.40 9.71
C ASN B 74 -12.48 -2.05 9.78
N ILE B 75 -11.80 -0.98 9.39
CA ILE B 75 -12.44 0.33 9.36
C ILE B 75 -13.51 0.39 8.28
N LEU B 76 -13.22 -0.16 7.10
CA LEU B 76 -14.20 -0.14 6.02
C LEU B 76 -15.43 -0.96 6.38
N GLU B 77 -15.25 -2.09 7.08
CA GLU B 77 -16.38 -2.91 7.48
C GLU B 77 -17.30 -2.15 8.43
N LYS B 78 -16.71 -1.35 9.34
CA LYS B 78 -17.53 -0.56 10.26
C LYS B 78 -18.32 0.50 9.51
N TYR B 79 -17.75 1.07 8.45
CA TYR B 79 -18.48 2.04 7.64
C TYR B 79 -19.72 1.42 7.02
N GLY B 80 -19.59 0.19 6.49
CA GLY B 80 -20.74 -0.46 5.89
C GLY B 80 -21.78 -0.88 6.91
N ARG B 81 -21.34 -1.36 8.08
CA ARG B 81 -22.28 -1.73 9.14
C ARG B 81 -23.07 -0.52 9.61
N ASN B 82 -22.40 0.63 9.74
CA ASN B 82 -23.09 1.85 10.18
C ASN B 82 -24.16 2.27 9.17
N LEU B 83 -23.95 1.98 7.89
CA LEU B 83 -24.94 2.34 6.88
C LEU B 83 -26.19 1.47 6.95
N LEU B 84 -26.10 0.29 7.56
CA LEU B 84 -27.23 -0.61 7.72
C LEU B 84 -27.85 -0.55 9.11
N SER B 85 -27.28 0.23 10.02
CA SER B 85 -27.78 0.29 11.38
C SER B 85 -29.08 1.07 11.45
N PRO B 86 -29.99 0.70 12.37
CA PRO B 86 -31.18 1.55 12.56
C PRO B 86 -30.84 2.95 13.02
N GLN B 87 -29.93 3.09 13.99
CA GLN B 87 -29.46 4.39 14.44
C GLN B 87 -28.24 4.78 13.61
N ARG B 88 -28.51 5.24 12.39
CA ARG B 88 -27.45 5.63 11.49
C ARG B 88 -26.72 6.86 12.03
N PRO B 89 -25.39 6.93 11.85
CA PRO B 89 -24.67 8.13 12.30
C PRO B 89 -25.15 9.37 11.56
N ARG B 90 -25.12 10.50 12.26
CA ARG B 90 -25.64 11.74 11.69
C ARG B 90 -24.83 12.23 10.50
N TYR B 91 -23.62 11.69 10.30
CA TYR B 91 -22.78 12.07 9.17
C TYR B 91 -22.52 10.87 8.26
N TRP B 92 -23.48 9.94 8.18
CA TRP B 92 -23.30 8.76 7.35
C TRP B 92 -23.17 9.10 5.87
N ARG B 93 -23.61 10.29 5.47
CA ARG B 93 -23.66 10.62 4.05
C ARG B 93 -22.30 10.95 3.46
N GLY B 94 -21.28 11.21 4.30
CA GLY B 94 -19.98 11.58 3.79
C GLY B 94 -18.86 11.08 4.67
N VAL B 95 -17.69 10.92 4.05
CA VAL B 95 -16.46 10.53 4.74
C VAL B 95 -15.41 11.58 4.41
N LYS B 96 -14.71 12.05 5.44
CA LYS B 96 -13.69 13.07 5.29
C LYS B 96 -12.31 12.42 5.27
N PHE B 97 -11.49 12.81 4.28
CA PHE B 97 -10.16 12.22 4.15
C PHE B 97 -9.28 12.52 5.35
N ASN B 98 -9.44 13.70 5.95
CA ASN B 98 -8.60 14.13 7.05
C ASN B 98 -9.01 13.53 8.39
N ASN B 99 -10.06 12.71 8.43
CA ASN B 99 -10.42 12.03 9.66
C ASN B 99 -9.26 11.18 10.14
N PRO B 100 -8.86 11.28 11.42
CA PRO B 100 -7.63 10.60 11.86
C PRO B 100 -7.68 9.10 11.70
N VAL B 101 -8.83 8.48 12.00
CA VAL B 101 -8.95 7.03 11.83
C VAL B 101 -8.84 6.65 10.36
N PHE B 102 -9.58 7.35 9.50
CA PHE B 102 -9.55 7.06 8.07
C PHE B 102 -8.16 7.28 7.50
N ARG B 103 -7.50 8.37 7.88
CA ARG B 103 -6.21 8.72 7.28
C ARG B 103 -5.14 7.69 7.63
N SER B 104 -5.14 7.19 8.86
CA SER B 104 -4.12 6.26 9.32
C SER B 104 -4.39 4.81 8.94
N THR B 105 -5.59 4.50 8.42
CA THR B 105 -5.94 3.12 8.08
C THR B 105 -6.35 3.01 6.62
N VAL B 106 -7.52 3.53 6.24
CA VAL B 106 -8.01 3.34 4.87
C VAL B 106 -7.10 4.05 3.88
N ASP B 107 -6.68 5.26 4.19
CA ASP B 107 -5.81 6.02 3.28
C ASP B 107 -4.36 5.57 3.35
N ALA B 108 -4.06 4.50 4.09
CA ALA B 108 -2.72 3.92 4.09
C ALA B 108 -2.58 2.80 3.07
N VAL B 109 -3.67 2.38 2.43
CA VAL B 109 -3.64 1.32 1.44
C VAL B 109 -4.20 1.86 0.12
N GLN B 110 -3.53 1.53 -0.98
CA GLN B 110 -4.01 1.91 -2.29
C GLN B 110 -5.29 1.14 -2.61
N GLY B 111 -6.32 1.85 -3.04
CA GLY B 111 -7.61 1.26 -3.29
C GLY B 111 -8.59 1.37 -2.13
N GLY B 112 -8.16 1.90 -0.98
CA GLY B 112 -9.05 2.01 0.16
C GLY B 112 -10.23 2.94 -0.13
N ARG B 113 -9.97 4.08 -0.78
CA ARG B 113 -11.04 5.00 -1.12
C ARG B 113 -12.05 4.37 -2.07
N ASP B 114 -11.59 3.49 -2.97
CA ASP B 114 -12.50 2.89 -3.94
C ASP B 114 -13.54 2.00 -3.27
N VAL B 115 -13.23 1.44 -2.10
CA VAL B 115 -14.18 0.60 -1.39
C VAL B 115 -15.38 1.42 -0.93
N LEU B 116 -15.12 2.65 -0.46
CA LEU B 116 -16.22 3.53 -0.06
C LEU B 116 -17.15 3.84 -1.24
N ARG B 117 -16.61 3.90 -2.45
CA ARG B 117 -17.44 4.13 -3.62
C ARG B 117 -18.43 2.99 -3.83
N LEU B 118 -18.01 1.76 -3.53
CA LEU B 118 -18.93 0.62 -3.60
C LEU B 118 -20.08 0.76 -2.62
N TYR B 119 -19.83 1.38 -1.46
CA TYR B 119 -20.89 1.65 -0.50
C TYR B 119 -21.88 2.69 -1.01
N GLY B 120 -21.46 3.57 -1.90
CA GLY B 120 -22.31 4.63 -2.41
C GLY B 120 -21.70 6.00 -2.32
N TYR B 121 -20.47 6.09 -1.78
CA TYR B 121 -19.75 7.35 -1.67
C TYR B 121 -19.10 7.68 -3.01
N THR B 122 -19.95 8.01 -3.99
CA THR B 122 -19.50 8.20 -5.37
C THR B 122 -19.10 9.63 -5.68
N GLU B 123 -19.66 10.62 -4.99
CA GLU B 123 -19.38 12.01 -5.28
C GLU B 123 -18.08 12.43 -4.60
N GLU B 124 -17.12 12.89 -5.38
CA GLU B 124 -15.79 13.23 -4.87
C GLU B 124 -15.64 14.74 -4.73
N GLN B 125 -15.08 15.16 -3.60
CA GLN B 125 -14.72 16.54 -3.32
C GLN B 125 -13.26 16.56 -2.87
N PRO B 126 -12.61 17.72 -2.90
CA PRO B 126 -11.23 17.79 -2.40
C PRO B 126 -11.07 17.40 -0.95
N ASP B 127 -12.15 17.37 -0.17
CA ASP B 127 -12.07 17.02 1.24
C ASP B 127 -12.57 15.61 1.57
N GLY B 128 -13.25 14.94 0.64
CA GLY B 128 -13.71 13.59 0.91
C GLY B 128 -14.69 13.12 -0.15
N LEU B 129 -15.34 12.01 0.17
CA LEU B 129 -16.37 11.42 -0.68
C LEU B 129 -17.71 11.49 0.04
N SER B 130 -18.79 11.59 -0.74
CA SER B 130 -20.11 11.72 -0.16
C SER B 130 -21.14 11.07 -1.07
N PHE B 131 -22.29 10.74 -0.48
CA PHE B 131 -23.41 10.22 -1.23
C PHE B 131 -23.99 11.30 -2.14
N PRO B 132 -24.60 10.92 -3.26
CA PRO B 132 -25.36 11.89 -4.06
C PRO B 132 -26.37 12.63 -3.19
N GLU B 133 -26.53 13.93 -3.47
CA GLU B 133 -27.43 14.76 -2.68
C GLU B 133 -28.89 14.33 -2.81
N GLY B 134 -29.24 13.61 -3.89
CA GLY B 134 -30.60 13.18 -4.10
C GLY B 134 -30.92 11.83 -3.50
N GLN B 135 -29.89 11.03 -3.25
CA GLN B 135 -30.08 9.69 -2.67
C GLN B 135 -30.58 9.84 -1.24
N GLU B 136 -31.84 9.48 -1.00
CA GLU B 136 -32.41 9.60 0.33
C GLU B 136 -31.83 8.56 1.28
N GLU B 137 -31.79 7.30 0.86
CA GLU B 137 -31.33 6.21 1.70
C GLU B 137 -30.29 5.38 0.96
N PRO B 138 -29.36 4.75 1.68
CA PRO B 138 -28.35 3.91 1.02
C PRO B 138 -28.96 2.66 0.42
N ASP B 139 -28.27 2.12 -0.58
CA ASP B 139 -28.65 0.86 -1.20
C ASP B 139 -28.38 -0.27 -0.21
N GLU B 140 -29.44 -0.75 0.44
CA GLU B 140 -29.26 -1.75 1.49
C GLU B 140 -28.66 -3.04 0.96
N HIS B 141 -29.15 -3.53 -0.19
CA HIS B 141 -28.61 -4.76 -0.75
C HIS B 141 -27.17 -4.58 -1.20
N GLN B 142 -26.84 -3.42 -1.77
CA GLN B 142 -25.47 -3.18 -2.22
C GLN B 142 -24.53 -3.03 -1.04
N VAL B 143 -24.94 -2.32 0.01
CA VAL B 143 -24.07 -2.12 1.17
C VAL B 143 -23.84 -3.43 1.89
N ALA B 144 -24.89 -4.24 2.06
CA ALA B 144 -24.75 -5.52 2.75
C ALA B 144 -23.85 -6.46 1.99
N THR B 145 -23.95 -6.45 0.65
CA THR B 145 -23.10 -7.32 -0.16
C THR B 145 -21.64 -6.93 -0.03
N VAL B 146 -21.34 -5.64 -0.14
CA VAL B 146 -19.96 -5.19 -0.06
C VAL B 146 -19.43 -5.36 1.36
N THR B 147 -20.26 -5.07 2.36
CA THR B 147 -19.85 -5.25 3.75
C THR B 147 -19.46 -6.70 4.02
N LEU B 148 -20.24 -7.64 3.49
CA LEU B 148 -19.92 -9.06 3.68
C LEU B 148 -18.62 -9.42 3.00
N GLU B 149 -18.35 -8.86 1.83
CA GLU B 149 -17.10 -9.15 1.13
C GLU B 149 -15.91 -8.54 1.86
N VAL B 150 -16.09 -7.36 2.44
CA VAL B 150 -15.02 -6.74 3.23
C VAL B 150 -14.73 -7.59 4.46
N LEU B 151 -15.78 -8.01 5.17
CA LEU B 151 -15.60 -8.86 6.33
C LEU B 151 -14.94 -10.18 5.95
N LEU B 152 -15.30 -10.73 4.79
CA LEU B 152 -14.69 -11.98 4.33
C LEU B 152 -13.19 -11.80 4.11
N LEU B 153 -12.81 -10.77 3.37
CA LEU B 153 -11.40 -10.55 3.07
C LEU B 153 -10.59 -10.27 4.34
N ARG B 154 -11.14 -9.46 5.25
CA ARG B 154 -10.46 -9.20 6.51
C ARG B 154 -10.28 -10.48 7.30
N THR B 155 -11.31 -11.33 7.33
CA THR B 155 -11.20 -12.62 8.03
C THR B 155 -10.10 -13.49 7.42
N GLU B 156 -10.03 -13.52 6.09
CA GLU B 156 -9.01 -14.32 5.43
C GLU B 156 -7.61 -13.85 5.81
N LEU B 157 -7.37 -12.53 5.75
CA LEU B 157 -6.06 -12.00 6.13
C LEU B 157 -5.77 -12.26 7.61
N SER B 158 -6.78 -12.11 8.47
CA SER B 158 -6.56 -12.31 9.90
C SER B 158 -6.25 -13.78 10.21
N LEU B 159 -6.97 -14.70 9.58
CA LEU B 159 -6.69 -16.11 9.79
C LEU B 159 -5.31 -16.49 9.26
N LEU B 160 -4.89 -15.87 8.15
CA LEU B 160 -3.57 -16.14 7.61
C LEU B 160 -2.48 -15.67 8.57
N LEU B 161 -2.67 -14.49 9.18
CA LEU B 161 -1.71 -14.01 10.17
C LEU B 161 -1.72 -14.87 11.42
N GLN B 162 -2.85 -15.48 11.74
CA GLN B 162 -2.98 -16.36 12.89
C GLN B 162 -2.55 -17.79 12.59
N ASN B 163 -2.15 -18.07 11.34
CA ASN B 163 -1.78 -19.42 10.92
C ASN B 163 -2.91 -20.42 11.15
N THR B 164 -4.15 -19.99 10.83
CA THR B 164 -5.33 -20.82 11.03
C THR B 164 -6.25 -20.81 9.82
N HIS B 165 -5.77 -20.36 8.66
CA HIS B 165 -6.59 -20.33 7.47
C HIS B 165 -6.86 -21.76 6.98
N PRO B 166 -8.07 -22.05 6.51
CA PRO B 166 -8.34 -23.40 5.98
C PRO B 166 -7.39 -23.80 4.85
N ARG B 167 -7.05 -22.87 3.98
CA ARG B 167 -6.06 -23.13 2.92
C ARG B 167 -4.80 -22.32 3.17
N GLN B 168 -4.30 -22.37 4.41
CA GLN B 168 -3.15 -21.54 4.78
C GLN B 168 -1.93 -21.87 3.94
N GLN B 169 -1.66 -23.15 3.73
CA GLN B 169 -0.49 -23.55 2.95
C GLN B 169 -0.62 -23.13 1.49
N ALA B 170 -1.83 -23.24 0.93
CA ALA B 170 -2.03 -22.87 -0.47
C ALA B 170 -1.90 -21.36 -0.66
N LEU B 171 -2.44 -20.57 0.26
CA LEU B 171 -2.37 -19.11 0.12
C LEU B 171 -0.96 -18.59 0.39
N GLU B 172 -0.25 -19.20 1.33
CA GLU B 172 1.10 -18.74 1.64
C GLU B 172 2.05 -18.91 0.45
N GLN B 173 1.80 -19.91 -0.39
CA GLN B 173 2.59 -20.09 -1.59
C GLN B 173 2.30 -19.01 -2.64
N LEU B 174 1.22 -18.25 -2.48
CA LEU B 174 0.92 -17.12 -3.35
C LEU B 174 1.57 -15.83 -2.88
N LEU B 175 2.35 -15.87 -1.81
CA LEU B 175 3.08 -14.71 -1.32
C LEU B 175 4.59 -14.86 -1.49
N GLU B 176 5.07 -16.00 -1.95
CA GLU B 176 6.49 -16.22 -2.16
C GLU B 176 6.90 -15.87 -3.58
N GLU C 1 6.92 25.64 -10.95
CA GLU C 1 7.00 26.90 -11.69
C GLU C 1 8.06 26.83 -12.78
N GLU C 2 9.32 27.00 -12.39
CA GLU C 2 10.41 26.95 -13.36
C GLU C 2 10.56 25.55 -13.95
N GLU C 3 10.78 24.55 -13.09
CA GLU C 3 10.91 23.18 -13.58
C GLU C 3 9.59 22.67 -14.15
N GLU C 4 8.47 23.05 -13.53
CA GLU C 4 7.17 22.60 -13.99
C GLU C 4 6.91 23.06 -15.42
N ARG C 5 6.76 24.36 -15.63
CA ARG C 5 6.43 24.89 -16.95
C ARG C 5 7.40 24.42 -18.02
N ALA C 6 8.69 24.30 -17.67
CA ALA C 6 9.67 23.79 -18.62
C ALA C 6 9.40 22.33 -18.96
N PHE C 7 8.99 21.53 -17.96
CA PHE C 7 8.69 20.13 -18.20
C PHE C 7 7.55 19.97 -19.19
N LEU C 8 6.52 20.82 -19.10
CA LEU C 8 5.39 20.71 -20.02
C LEU C 8 5.78 21.08 -21.45
N VAL C 9 6.81 21.92 -21.62
CA VAL C 9 7.22 22.29 -22.97
C VAL C 9 7.92 21.13 -23.66
N ALA C 10 8.90 20.53 -22.99
CA ALA C 10 9.57 19.36 -23.56
C ALA C 10 8.60 18.20 -23.73
N ARG C 11 7.59 18.11 -22.85
CA ARG C 11 6.56 17.08 -23.01
C ARG C 11 5.78 17.28 -24.30
N GLU C 12 5.28 18.50 -24.53
CA GLU C 12 4.54 18.78 -25.76
C GLU C 12 5.44 18.78 -26.97
N GLU C 13 6.73 19.11 -26.80
CA GLU C 13 7.67 19.08 -27.90
C GLU C 13 7.85 17.65 -28.42
N LEU C 14 8.22 16.72 -27.52
CA LEU C 14 8.40 15.34 -27.93
C LEU C 14 7.08 14.70 -28.35
N ALA C 15 5.97 15.14 -27.77
CA ALA C 15 4.67 14.62 -28.18
C ALA C 15 4.35 15.04 -29.61
N SER C 16 4.55 16.31 -29.93
CA SER C 16 4.33 16.77 -31.30
C SER C 16 5.30 16.12 -32.27
N ALA C 17 6.48 15.73 -31.79
CA ALA C 17 7.42 14.99 -32.63
C ALA C 17 6.89 13.60 -32.95
N LEU C 18 6.17 12.98 -32.01
CA LEU C 18 5.57 11.67 -32.27
C LEU C 18 4.47 11.78 -33.31
N ARG C 19 3.70 12.86 -33.29
CA ARG C 19 2.64 13.05 -34.29
C ARG C 19 3.21 13.25 -35.68
N ARG C 20 4.36 13.92 -35.79
CA ARG C 20 4.99 14.12 -37.09
C ARG C 20 5.45 12.80 -37.70
N ASP C 21 6.30 12.07 -36.98
CA ASP C 21 6.81 10.77 -37.43
C ASP C 21 6.72 9.81 -36.24
N SER C 22 5.68 8.97 -36.24
CA SER C 22 5.46 8.05 -35.14
C SER C 22 6.52 6.96 -35.04
N GLY C 23 7.30 6.76 -36.11
CA GLY C 23 8.36 5.77 -36.08
C GLY C 23 9.70 6.30 -35.63
N GLN C 24 9.79 7.58 -35.28
CA GLN C 24 11.05 8.19 -34.90
C GLN C 24 11.52 7.65 -33.55
N ALA C 25 12.82 7.33 -33.48
CA ALA C 25 13.45 6.92 -32.24
C ALA C 25 13.97 8.14 -31.49
N PHE C 26 13.91 8.08 -30.17
CA PHE C 26 14.35 9.16 -29.30
C PHE C 26 15.55 8.69 -28.49
N SER C 27 16.64 9.46 -28.55
CA SER C 27 17.85 9.12 -27.84
C SER C 27 17.75 9.51 -26.36
N LEU C 28 18.78 9.18 -25.60
CA LEU C 28 18.80 9.55 -24.18
C LEU C 28 18.87 11.06 -24.01
N GLU C 29 19.61 11.75 -24.89
CA GLU C 29 19.74 13.19 -24.77
C GLU C 29 18.43 13.91 -25.08
N GLN C 30 17.59 13.33 -25.95
CA GLN C 30 16.33 13.96 -26.27
C GLN C 30 15.31 13.81 -25.14
N LEU C 31 15.40 12.73 -24.37
CA LEU C 31 14.49 12.49 -23.25
C LEU C 31 15.07 12.97 -21.92
N ARG C 32 16.28 13.52 -21.92
CA ARG C 32 16.91 13.93 -20.67
C ARG C 32 16.11 14.96 -19.87
N PRO C 33 15.52 16.00 -20.48
CA PRO C 33 14.74 16.94 -19.66
C PRO C 33 13.58 16.29 -18.92
N LEU C 34 13.04 15.18 -19.43
CA LEU C 34 11.95 14.49 -18.74
C LEU C 34 12.45 13.42 -17.77
N LEU C 35 13.65 12.87 -18.01
CA LEU C 35 14.17 11.83 -17.13
C LEU C 35 14.83 12.41 -15.88
N ALA C 36 15.51 13.54 -16.02
CA ALA C 36 16.24 14.15 -14.92
C ALA C 36 15.37 15.03 -14.03
N SER C 37 14.11 15.25 -14.40
CA SER C 37 13.24 16.12 -13.61
C SER C 37 12.95 15.51 -12.25
N SER C 38 12.96 16.34 -11.21
CA SER C 38 12.67 15.92 -9.85
C SER C 38 11.21 16.17 -9.47
N LEU C 39 10.34 16.44 -10.44
CA LEU C 39 8.94 16.67 -10.14
C LEU C 39 8.29 15.37 -9.67
N PRO C 40 7.21 15.47 -8.87
CA PRO C 40 6.53 14.27 -8.39
C PRO C 40 5.96 13.45 -9.53
N LEU C 41 5.62 12.19 -9.22
CA LEU C 41 5.11 11.28 -10.23
C LEU C 41 3.79 11.77 -10.82
N ALA C 42 2.92 12.31 -9.97
CA ALA C 42 1.63 12.81 -10.45
C ALA C 42 1.77 14.01 -11.37
N ALA C 43 2.89 14.72 -11.30
CA ALA C 43 3.12 15.86 -12.18
C ALA C 43 3.78 15.46 -13.50
N ARG C 44 4.58 14.39 -13.50
CA ARG C 44 5.23 13.94 -14.73
C ARG C 44 4.29 13.08 -15.58
N TYR C 45 3.53 12.20 -14.94
CA TYR C 45 2.62 11.29 -15.64
C TYR C 45 1.20 11.75 -15.36
N LEU C 46 0.60 12.41 -16.36
CA LEU C 46 -0.75 12.94 -16.23
C LEU C 46 -1.83 11.95 -16.66
N GLN C 47 -1.53 11.09 -17.62
CA GLN C 47 -2.48 10.10 -18.11
C GLN C 47 -2.13 8.68 -17.68
N LEU C 48 -0.88 8.27 -17.90
CA LEU C 48 -0.46 6.92 -17.54
C LEU C 48 -0.44 6.75 -16.02
N ASP C 49 -1.14 5.74 -15.53
CA ASP C 49 -1.19 5.45 -14.09
C ASP C 49 0.10 4.73 -13.70
N ALA C 50 1.20 5.49 -13.67
CA ALA C 50 2.50 4.92 -13.37
C ALA C 50 2.57 4.37 -11.95
N ALA C 51 1.85 4.98 -11.02
CA ALA C 51 1.88 4.52 -9.63
C ALA C 51 1.31 3.11 -9.51
N ARG C 52 0.12 2.88 -10.09
CA ARG C 52 -0.49 1.55 -10.01
C ARG C 52 0.26 0.54 -10.86
N LEU C 53 0.82 0.95 -11.99
CA LEU C 53 1.52 0.00 -12.85
C LEU C 53 2.74 -0.57 -12.16
N VAL C 54 3.47 0.25 -11.40
CA VAL C 54 4.65 -0.22 -10.68
C VAL C 54 4.24 -0.92 -9.39
N ARG C 55 3.36 -0.30 -8.61
CA ARG C 55 3.01 -0.83 -7.29
C ARG C 55 2.33 -2.20 -7.40
N CYS C 56 1.41 -2.36 -8.35
CA CYS C 56 0.63 -3.59 -8.44
C CYS C 56 1.35 -4.71 -9.17
N ASN C 57 2.59 -4.49 -9.61
CA ASN C 57 3.37 -5.53 -10.28
C ASN C 57 4.77 -5.67 -9.70
N ALA C 58 5.02 -5.11 -8.53
CA ALA C 58 6.35 -5.16 -7.91
C ALA C 58 6.47 -6.41 -7.02
N HIS C 59 6.27 -7.57 -7.64
CA HIS C 59 6.37 -8.85 -6.96
C HIS C 59 7.66 -9.55 -7.37
N GLY C 60 8.36 -10.11 -6.39
CA GLY C 60 9.61 -10.78 -6.65
C GLY C 60 10.78 -9.81 -6.69
N GLU C 61 11.80 -10.18 -7.45
CA GLU C 61 12.99 -9.35 -7.55
C GLU C 61 12.75 -8.21 -8.55
N PRO C 62 13.26 -7.01 -8.26
CA PRO C 62 13.12 -5.92 -9.23
C PRO C 62 13.72 -6.23 -10.59
N ARG C 63 14.83 -6.97 -10.63
CA ARG C 63 15.44 -7.30 -11.91
C ARG C 63 14.49 -8.04 -12.83
N ASN C 64 13.53 -8.77 -12.25
CA ASN C 64 12.52 -9.48 -13.05
C ASN C 64 11.29 -8.62 -13.33
N TYR C 65 10.68 -8.03 -12.30
CA TYR C 65 9.41 -7.35 -12.53
C TYR C 65 9.59 -6.01 -13.24
N LEU C 66 10.74 -5.36 -13.09
CA LEU C 66 11.01 -4.18 -13.91
C LEU C 66 11.14 -4.55 -15.38
N ASN C 67 11.64 -5.76 -15.67
CA ASN C 67 11.73 -6.21 -17.05
C ASN C 67 10.38 -6.64 -17.59
N THR C 68 9.56 -7.28 -16.76
CA THR C 68 8.20 -7.63 -17.18
C THR C 68 7.39 -6.38 -17.50
N LEU C 69 7.51 -5.35 -16.67
CA LEU C 69 6.77 -4.12 -16.89
C LEU C 69 7.29 -3.36 -18.12
N SER C 70 8.61 -3.29 -18.27
CA SER C 70 9.18 -2.54 -19.39
C SER C 70 8.84 -3.17 -20.73
N THR C 71 8.85 -4.51 -20.79
CA THR C 71 8.49 -5.20 -22.04
C THR C 71 7.02 -5.01 -22.38
N ALA C 72 6.15 -5.03 -21.36
CA ALA C 72 4.74 -4.75 -21.60
C ALA C 72 4.54 -3.33 -22.11
N LEU C 73 5.28 -2.38 -21.55
CA LEU C 73 5.18 -1.00 -22.03
C LEU C 73 5.73 -0.85 -23.44
N ASN C 74 6.76 -1.62 -23.79
CA ASN C 74 7.25 -1.61 -25.16
C ASN C 74 6.16 -2.02 -26.14
N ILE C 75 5.36 -3.03 -25.78
CA ILE C 75 4.25 -3.43 -26.63
C ILE C 75 3.20 -2.33 -26.69
N LEU C 76 2.88 -1.72 -25.54
CA LEU C 76 1.91 -0.64 -25.52
C LEU C 76 2.41 0.59 -26.28
N GLU C 77 3.72 0.84 -26.24
CA GLU C 77 4.28 1.94 -27.01
C GLU C 77 4.06 1.74 -28.51
N LYS C 78 4.21 0.50 -28.98
CA LYS C 78 4.01 0.22 -30.39
C LYS C 78 2.56 0.39 -30.81
N TYR C 79 1.61 0.07 -29.92
CA TYR C 79 0.20 0.29 -30.23
C TYR C 79 -0.10 1.78 -30.41
N GLY C 80 0.50 2.63 -29.58
CA GLY C 80 0.29 4.07 -29.73
C GLY C 80 0.93 4.63 -30.98
N ARG C 81 2.12 4.15 -31.33
CA ARG C 81 2.80 4.62 -32.54
C ARG C 81 2.01 4.23 -33.78
N ASN C 82 1.41 3.04 -33.77
CA ASN C 82 0.66 2.58 -34.93
C ASN C 82 -0.59 3.43 -35.17
N LEU C 83 -1.16 3.98 -34.11
CA LEU C 83 -2.32 4.85 -34.26
C LEU C 83 -1.95 6.21 -34.85
N LEU C 84 -0.70 6.63 -34.69
CA LEU C 84 -0.22 7.90 -35.23
C LEU C 84 0.47 7.75 -36.58
N SER C 85 0.56 6.54 -37.11
CA SER C 85 1.25 6.31 -38.36
C SER C 85 0.42 6.81 -39.55
N PRO C 86 1.07 7.31 -40.60
CA PRO C 86 0.31 7.70 -41.79
C PRO C 86 -0.43 6.54 -42.43
N GLN C 87 0.13 5.33 -42.36
CA GLN C 87 -0.53 4.11 -42.86
C GLN C 87 -0.86 3.26 -41.64
N ARG C 88 -2.04 3.48 -41.07
CA ARG C 88 -2.44 2.76 -39.87
C ARG C 88 -2.70 1.29 -40.18
N PRO C 89 -2.48 0.40 -39.22
CA PRO C 89 -2.79 -1.02 -39.42
C PRO C 89 -4.27 -1.22 -39.76
N ARG C 90 -4.55 -2.34 -40.41
CA ARG C 90 -5.91 -2.63 -40.86
C ARG C 90 -6.86 -2.79 -39.68
N TYR C 91 -6.43 -3.49 -38.64
CA TYR C 91 -7.25 -3.74 -37.46
C TYR C 91 -6.92 -2.79 -36.31
N TRP C 92 -6.60 -1.54 -36.62
CA TRP C 92 -6.27 -0.57 -35.57
C TRP C 92 -7.45 -0.32 -34.64
N ARG C 93 -8.67 -0.60 -35.07
CA ARG C 93 -9.85 -0.26 -34.28
C ARG C 93 -9.98 -1.11 -33.02
N GLY C 94 -9.34 -2.28 -32.97
CA GLY C 94 -9.49 -3.16 -31.83
C GLY C 94 -8.26 -3.98 -31.56
N VAL C 95 -8.17 -4.47 -30.33
CA VAL C 95 -7.08 -5.33 -29.86
C VAL C 95 -7.69 -6.58 -29.25
N LYS C 96 -7.18 -7.75 -29.64
CA LYS C 96 -7.69 -9.03 -29.16
C LYS C 96 -6.82 -9.53 -28.01
N PHE C 97 -7.47 -9.96 -26.92
CA PHE C 97 -6.72 -10.44 -25.76
C PHE C 97 -5.92 -11.70 -26.07
N ASN C 98 -6.40 -12.53 -26.98
CA ASN C 98 -5.76 -13.80 -27.29
C ASN C 98 -4.55 -13.66 -28.22
N ASN C 99 -4.13 -12.44 -28.53
CA ASN C 99 -2.91 -12.25 -29.31
C ASN C 99 -1.72 -12.79 -28.53
N PRO C 100 -0.85 -13.61 -29.14
CA PRO C 100 0.24 -14.22 -28.37
C PRO C 100 1.20 -13.21 -27.76
N VAL C 101 1.51 -12.13 -28.47
CA VAL C 101 2.37 -11.09 -27.91
C VAL C 101 1.66 -10.39 -26.76
N PHE C 102 0.39 -10.04 -26.96
CA PHE C 102 -0.37 -9.35 -25.92
C PHE C 102 -0.50 -10.22 -24.66
N ARG C 103 -0.80 -11.52 -24.84
CA ARG C 103 -1.02 -12.39 -23.69
C ARG C 103 0.27 -12.57 -22.88
N SER C 104 1.41 -12.64 -23.54
CA SER C 104 2.67 -12.90 -22.86
C SER C 104 3.36 -11.64 -22.35
N THR C 105 2.89 -10.45 -22.74
CA THR C 105 3.52 -9.20 -22.32
C THR C 105 2.52 -8.30 -21.57
N VAL C 106 1.50 -7.78 -22.26
CA VAL C 106 0.62 -6.80 -21.63
C VAL C 106 -0.28 -7.46 -20.61
N ASP C 107 -0.85 -8.62 -20.93
CA ASP C 107 -1.73 -9.32 -20.00
C ASP C 107 -0.98 -10.02 -18.89
N ALA C 108 0.34 -9.91 -18.83
CA ALA C 108 1.12 -10.36 -17.70
C ALA C 108 1.31 -9.26 -16.65
N VAL C 109 0.69 -8.10 -16.85
CA VAL C 109 0.84 -6.95 -15.98
C VAL C 109 -0.55 -6.45 -15.61
N GLN C 110 -0.82 -6.34 -14.32
CA GLN C 110 -2.09 -5.78 -13.88
C GLN C 110 -2.13 -4.30 -14.22
N GLY C 111 -3.17 -3.87 -14.94
CA GLY C 111 -3.27 -2.52 -15.44
C GLY C 111 -2.82 -2.34 -16.88
N GLY C 112 -2.29 -3.39 -17.50
CA GLY C 112 -1.89 -3.28 -18.89
C GLY C 112 -3.05 -2.98 -19.81
N ARG C 113 -4.20 -3.63 -19.56
CA ARG C 113 -5.37 -3.40 -20.40
C ARG C 113 -5.89 -1.97 -20.27
N ASP C 114 -5.70 -1.35 -19.10
CA ASP C 114 -6.18 0.01 -18.89
C ASP C 114 -5.42 1.03 -19.72
N VAL C 115 -4.18 0.73 -20.11
CA VAL C 115 -3.43 1.66 -20.95
C VAL C 115 -4.05 1.74 -22.34
N LEU C 116 -4.62 0.64 -22.83
CA LEU C 116 -5.29 0.66 -24.13
C LEU C 116 -6.50 1.60 -24.10
N ARG C 117 -7.20 1.64 -22.96
CA ARG C 117 -8.36 2.53 -22.85
C ARG C 117 -7.95 3.99 -22.97
N LEU C 118 -6.75 4.35 -22.51
CA LEU C 118 -6.26 5.72 -22.69
C LEU C 118 -6.09 6.05 -24.16
N TYR C 119 -5.70 5.08 -24.98
CA TYR C 119 -5.58 5.30 -26.42
C TYR C 119 -6.95 5.54 -27.04
N GLY C 120 -7.98 4.84 -26.56
CA GLY C 120 -9.31 4.97 -27.13
C GLY C 120 -10.03 3.65 -27.24
N TYR C 121 -9.39 2.56 -26.81
CA TYR C 121 -10.00 1.23 -26.79
C TYR C 121 -10.89 1.11 -25.56
N THR C 122 -11.95 1.91 -25.55
CA THR C 122 -12.81 2.04 -24.37
C THR C 122 -14.02 1.11 -24.39
N GLU C 123 -14.30 0.44 -25.51
CA GLU C 123 -15.44 -0.45 -25.62
C GLU C 123 -15.00 -1.88 -25.33
N GLU C 124 -15.53 -2.45 -24.25
CA GLU C 124 -15.10 -3.77 -23.79
C GLU C 124 -15.86 -4.86 -24.53
N GLN C 125 -15.14 -5.89 -24.96
CA GLN C 125 -15.68 -7.09 -25.58
C GLN C 125 -15.25 -8.30 -24.76
N PRO C 126 -15.93 -9.44 -24.93
CA PRO C 126 -15.53 -10.64 -24.16
C PRO C 126 -14.11 -11.11 -24.45
N ASP C 127 -13.51 -10.70 -25.57
CA ASP C 127 -12.15 -11.13 -25.88
C ASP C 127 -11.31 -9.98 -26.44
N GLY C 128 -11.53 -8.77 -25.96
CA GLY C 128 -10.71 -7.66 -26.38
C GLY C 128 -11.37 -6.32 -26.11
N LEU C 129 -10.66 -5.27 -26.49
CA LEU C 129 -11.13 -3.90 -26.41
C LEU C 129 -11.10 -3.28 -27.80
N SER C 130 -11.99 -2.31 -28.03
CA SER C 130 -12.09 -1.70 -29.35
C SER C 130 -12.53 -0.25 -29.22
N PHE C 131 -12.22 0.52 -30.26
CA PHE C 131 -12.71 1.88 -30.35
C PHE C 131 -14.23 1.89 -30.48
N PRO C 132 -14.88 2.97 -30.07
CA PRO C 132 -16.33 3.09 -30.33
C PRO C 132 -16.60 3.07 -31.83
N GLU C 133 -17.67 2.38 -32.21
CA GLU C 133 -18.00 2.25 -33.63
C GLU C 133 -18.30 3.59 -34.28
N GLY C 134 -18.74 4.58 -33.49
CA GLY C 134 -18.99 5.91 -34.01
C GLY C 134 -17.77 6.77 -34.21
N GLN C 135 -16.63 6.36 -33.68
CA GLN C 135 -15.40 7.14 -33.83
C GLN C 135 -14.75 6.80 -35.17
N GLU C 136 -14.49 7.83 -35.97
CA GLU C 136 -13.89 7.64 -37.29
C GLU C 136 -12.36 7.62 -37.23
N GLU C 137 -11.76 8.48 -36.42
CA GLU C 137 -10.32 8.57 -36.29
C GLU C 137 -9.96 8.74 -34.83
N PRO C 138 -8.79 8.24 -34.41
CA PRO C 138 -8.39 8.41 -33.01
C PRO C 138 -7.94 9.83 -32.72
N ASP C 139 -8.06 10.22 -31.46
CA ASP C 139 -7.57 11.51 -31.00
C ASP C 139 -6.05 11.52 -31.10
N GLU C 140 -5.52 12.26 -32.08
CA GLU C 140 -4.07 12.24 -32.31
C GLU C 140 -3.30 12.81 -31.13
N HIS C 141 -3.83 13.85 -30.50
CA HIS C 141 -3.13 14.45 -29.36
C HIS C 141 -3.25 13.57 -28.11
N GLN C 142 -4.42 12.99 -27.87
CA GLN C 142 -4.58 12.10 -26.73
C GLN C 142 -3.72 10.85 -26.88
N VAL C 143 -3.64 10.31 -28.10
CA VAL C 143 -2.80 9.13 -28.33
C VAL C 143 -1.33 9.48 -28.17
N ALA C 144 -0.92 10.64 -28.70
CA ALA C 144 0.48 11.02 -28.67
C ALA C 144 0.97 11.27 -27.24
N THR C 145 0.15 11.93 -26.42
CA THR C 145 0.58 12.20 -25.05
C THR C 145 0.63 10.92 -24.22
N VAL C 146 -0.26 9.96 -24.49
CA VAL C 146 -0.19 8.69 -23.78
C VAL C 146 1.01 7.89 -24.25
N THR C 147 1.26 7.89 -25.57
CA THR C 147 2.41 7.17 -26.11
C THR C 147 3.71 7.69 -25.53
N LEU C 148 3.81 9.01 -25.30
CA LEU C 148 5.03 9.58 -24.75
C LEU C 148 5.25 9.14 -23.31
N GLU C 149 4.18 9.08 -22.52
CA GLU C 149 4.32 8.66 -21.13
C GLU C 149 4.70 7.18 -21.05
N VAL C 150 4.12 6.35 -21.93
CA VAL C 150 4.50 4.94 -21.99
C VAL C 150 5.97 4.80 -22.33
N LEU C 151 6.42 5.55 -23.35
CA LEU C 151 7.83 5.52 -23.72
C LEU C 151 8.70 6.06 -22.59
N LEU C 152 8.25 7.13 -21.93
CA LEU C 152 9.02 7.71 -20.83
C LEU C 152 9.17 6.72 -19.67
N LEU C 153 8.06 6.07 -19.29
CA LEU C 153 8.12 5.12 -18.17
C LEU C 153 8.95 3.90 -18.54
N ARG C 154 8.80 3.38 -19.75
CA ARG C 154 9.63 2.27 -20.18
C ARG C 154 11.11 2.65 -20.16
N THR C 155 11.43 3.85 -20.64
CA THR C 155 12.82 4.32 -20.59
C THR C 155 13.32 4.40 -19.16
N GLU C 156 12.48 4.91 -18.24
CA GLU C 156 12.87 5.00 -16.84
C GLU C 156 13.18 3.61 -16.28
N LEU C 157 12.31 2.64 -16.53
CA LEU C 157 12.56 1.28 -16.06
C LEU C 157 13.81 0.69 -16.71
N SER C 158 14.00 0.94 -18.00
CA SER C 158 15.15 0.39 -18.71
C SER C 158 16.46 0.97 -18.18
N LEU C 159 16.49 2.28 -17.92
CA LEU C 159 17.70 2.89 -17.37
C LEU C 159 17.99 2.40 -15.95
N LEU C 160 16.94 2.13 -15.17
CA LEU C 160 17.14 1.60 -13.82
C LEU C 160 17.77 0.21 -13.87
N LEU C 161 17.29 -0.65 -14.76
CA LEU C 161 17.89 -1.98 -14.91
C LEU C 161 19.32 -1.90 -15.41
N GLN C 162 19.66 -0.86 -16.18
CA GLN C 162 21.00 -0.67 -16.69
C GLN C 162 21.90 0.11 -15.74
N ASN C 163 21.38 0.50 -14.57
CA ASN C 163 22.13 1.30 -13.60
C ASN C 163 22.62 2.62 -14.19
N THR C 164 21.82 3.21 -15.08
CA THR C 164 22.17 4.47 -15.74
C THR C 164 21.10 5.54 -15.58
N HIS C 165 20.16 5.36 -14.67
CA HIS C 165 19.12 6.37 -14.48
C HIS C 165 19.72 7.63 -13.87
N PRO C 166 19.32 8.81 -14.33
CA PRO C 166 19.82 10.05 -13.69
C PRO C 166 19.47 10.15 -12.22
N ARG C 167 18.33 9.60 -11.80
CA ARG C 167 17.92 9.56 -10.40
C ARG C 167 17.95 8.12 -9.88
N GLN C 168 18.96 7.35 -10.28
CA GLN C 168 19.01 5.93 -9.97
C GLN C 168 18.98 5.68 -8.46
N GLN C 169 19.77 6.45 -7.70
CA GLN C 169 19.80 6.26 -6.25
C GLN C 169 18.46 6.58 -5.62
N ALA C 170 17.82 7.67 -6.06
CA ALA C 170 16.55 8.07 -5.47
C ALA C 170 15.44 7.06 -5.77
N LEU C 171 15.40 6.54 -7.00
CA LEU C 171 14.35 5.59 -7.35
C LEU C 171 14.57 4.24 -6.69
N GLU C 172 15.84 3.80 -6.59
CA GLU C 172 16.12 2.51 -5.98
C GLU C 172 15.69 2.48 -4.51
N GLN C 173 15.68 3.63 -3.84
CA GLN C 173 15.20 3.68 -2.47
C GLN C 173 13.68 3.57 -2.37
N LEU C 174 12.98 3.61 -3.50
CA LEU C 174 11.54 3.37 -3.53
C LEU C 174 11.20 1.91 -3.78
N LEU C 175 12.21 1.05 -3.95
CA LEU C 175 12.01 -0.37 -4.14
C LEU C 175 12.71 -1.22 -3.09
N GLU C 176 13.38 -0.61 -2.12
CA GLU C 176 14.09 -1.34 -1.08
C GLU C 176 14.36 -0.45 0.13
#